data_7UY3
#
_entry.id   7UY3
#
_cell.length_a   151.285
_cell.length_b   151.285
_cell.length_c   130.518
_cell.angle_alpha   90.000
_cell.angle_beta   90.000
_cell.angle_gamma   120.000
#
_symmetry.space_group_name_H-M   'P 65 2 2'
#
loop_
_entity.id
_entity.type
_entity.pdbx_description
1 polymer 'Tyrosine-protein kinase Fgr'
2 non-polymer 3-[(6,7-dimethoxyquinazolin-4-yl)oxy]-N-{4-[(4-ethylpiperazin-1-yl)methyl]-3-(trifluoromethyl)phenyl}-4-methylbenzamide
3 non-polymer 1,2-ETHANEDIOL
4 non-polymer GLYCEROL
5 non-polymer 'PHOSPHATE ION'
#
_entity_poly.entity_id   1
_entity_poly.type   'polypeptide(L)'
_entity_poly.pdbx_seq_one_letter_code
;MGHHHHHHTLFIALYDYEARTEDDLTFTKGEKFHILNNTEGDWWEARSLSSGKTGCIPSNYVAPVDSIQAEEWYFGKIGR
KDAERQLLSPGNPQGAFLIRESETTKGAYSLSIRDWDQTRGDHVKHYKIRKLDMGGYYITTRVQFNSVQELVQHYMEVND
GLCNLLIAPCTIMKPQTLGLAKDAWEISRSSITLERRLGTGCFGDVWLGTWNGSTKVAVKTLKPGTMSPKAFLEEAQVMK
LLRHDKLVQLYAVVSEEPIYIVTEFMCHGSLLDFLKNPEGQDLRLPQLVDMAAQVAEGMAYMERMNYIHRDLRAANILVG
ERLACKIADFGLARLIKDDEYNPCQGSKFPIKWTAPEAALFGRFTIKSDVWSFGILLTELITKGRIPYPGMNKREVLEQV
EQGYHMPCPPGCPASLYEAMEQTWRLDPEERPTFEYLQSFLEDYFTSAEPQ(PTR)EEIP
;
_entity_poly.pdbx_strand_id   A
#
# COMPACT_ATOMS: atom_id res chain seq x y z
N PRO A 64 21.01 -15.34 3.03
CA PRO A 64 22.43 -15.47 3.34
C PRO A 64 22.94 -14.28 4.16
N VAL A 65 24.26 -14.10 4.19
CA VAL A 65 24.86 -13.02 4.97
C VAL A 65 25.68 -12.13 4.05
N ASP A 66 26.20 -12.70 2.97
CA ASP A 66 27.01 -11.96 2.01
C ASP A 66 26.26 -11.58 0.75
N SER A 67 25.03 -12.07 0.57
CA SER A 67 24.27 -11.77 -0.63
C SER A 67 23.85 -10.31 -0.66
N ILE A 68 23.46 -9.85 -1.85
CA ILE A 68 23.08 -8.46 -2.03
C ILE A 68 21.76 -8.16 -1.33
N GLN A 69 20.88 -9.18 -1.19
CA GLN A 69 19.59 -8.97 -0.55
C GLN A 69 19.73 -8.62 0.93
N ALA A 70 20.83 -9.00 1.57
CA ALA A 70 21.01 -8.74 2.99
C ALA A 70 21.53 -7.34 3.27
N GLU A 71 21.85 -6.55 2.24
CA GLU A 71 22.38 -5.22 2.46
C GLU A 71 21.29 -4.26 2.90
N GLU A 72 21.68 -3.25 3.67
CA GLU A 72 20.72 -2.27 4.19
C GLU A 72 20.05 -1.47 3.08
N TRP A 73 20.78 -1.20 1.99
CA TRP A 73 20.30 -0.32 0.93
C TRP A 73 19.58 -1.07 -0.19
N TYR A 74 19.50 -2.39 -0.13
CA TYR A 74 18.85 -3.17 -1.19
C TYR A 74 17.36 -3.29 -0.87
N PHE A 75 16.52 -2.83 -1.81
CA PHE A 75 15.07 -2.80 -1.62
C PHE A 75 14.33 -3.77 -2.52
N GLY A 76 15.03 -4.67 -3.20
CA GLY A 76 14.35 -5.68 -3.99
C GLY A 76 13.75 -5.10 -5.26
N LYS A 77 12.55 -5.56 -5.59
CA LYS A 77 11.85 -5.15 -6.80
C LYS A 77 10.67 -4.26 -6.39
N ILE A 78 10.96 -2.99 -6.16
CA ILE A 78 9.95 -2.00 -5.84
C ILE A 78 9.83 -1.04 -7.02
N GLY A 79 8.63 -0.47 -7.17
CA GLY A 79 8.37 0.41 -8.28
C GLY A 79 9.20 1.68 -8.22
N ARG A 80 9.29 2.35 -9.37
CA ARG A 80 10.01 3.62 -9.44
C ARG A 80 9.35 4.66 -8.56
N LYS A 81 8.02 4.77 -8.64
CA LYS A 81 7.30 5.72 -7.79
C LYS A 81 7.44 5.37 -6.32
N ASP A 82 7.45 4.08 -6.00
CA ASP A 82 7.60 3.66 -4.60
C ASP A 82 8.98 4.01 -4.07
N ALA A 83 10.01 3.90 -4.90
CA ALA A 83 11.35 4.27 -4.47
C ALA A 83 11.44 5.77 -4.17
N GLU A 84 10.74 6.58 -4.95
CA GLU A 84 10.74 8.02 -4.70
C GLU A 84 10.00 8.36 -3.41
N ARG A 85 8.88 7.69 -3.15
CA ARG A 85 8.09 8.00 -1.95
C ARG A 85 8.85 7.66 -0.68
N GLN A 86 9.57 6.52 -0.68
CA GLN A 86 10.30 6.11 0.51
C GLN A 86 11.58 6.94 0.69
N LEU A 87 12.21 7.35 -0.40
CA LEU A 87 13.41 8.17 -0.30
C LEU A 87 13.09 9.58 0.20
N LEU A 88 11.98 10.15 -0.25
CA LEU A 88 11.56 11.48 0.17
C LEU A 88 10.83 11.49 1.50
N SER A 89 10.72 10.33 2.16
CA SER A 89 10.08 10.28 3.46
C SER A 89 10.98 10.90 4.53
N PRO A 90 10.39 11.40 5.62
CA PRO A 90 11.19 12.06 6.65
C PRO A 90 12.27 11.15 7.24
N GLY A 91 13.34 11.78 7.72
CA GLY A 91 14.47 11.07 8.28
C GLY A 91 15.57 10.73 7.30
N ASN A 92 15.32 10.87 6.00
CA ASN A 92 16.30 10.52 4.98
C ASN A 92 17.12 11.74 4.61
N PRO A 93 18.45 11.71 4.78
CA PRO A 93 19.26 12.88 4.44
C PRO A 93 19.36 13.06 2.92
N GLN A 94 19.92 14.20 2.53
CA GLN A 94 20.30 14.39 1.15
C GLN A 94 21.43 13.44 0.80
N GLY A 95 21.25 12.66 -0.26
CA GLY A 95 22.16 11.61 -0.60
C GLY A 95 21.73 10.21 -0.18
N ALA A 96 20.53 10.08 0.39
CA ALA A 96 19.98 8.76 0.69
C ALA A 96 19.70 8.02 -0.60
N PHE A 97 20.02 6.73 -0.63
CA PHE A 97 19.96 5.95 -1.86
C PHE A 97 19.38 4.57 -1.58
N LEU A 98 19.04 3.88 -2.66
CA LEU A 98 18.61 2.49 -2.61
C LEU A 98 18.86 1.87 -3.98
N ILE A 99 19.04 0.55 -3.98
CA ILE A 99 19.22 -0.23 -5.20
C ILE A 99 17.96 -1.05 -5.42
N ARG A 100 17.41 -0.97 -6.62
CA ARG A 100 16.19 -1.70 -6.96
C ARG A 100 16.34 -2.32 -8.34
N GLU A 101 15.52 -3.33 -8.60
CA GLU A 101 15.51 -4.01 -9.89
C GLU A 101 14.63 -3.23 -10.87
N SER A 102 15.15 -3.01 -12.07
CA SER A 102 14.47 -2.19 -13.07
C SER A 102 13.38 -3.00 -13.75
N GLU A 103 12.81 -2.45 -14.83
CA GLU A 103 11.71 -3.09 -15.55
C GLU A 103 12.17 -3.87 -16.78
N THR A 104 13.40 -3.67 -17.24
CA THR A 104 13.88 -4.35 -18.44
C THR A 104 13.97 -5.85 -18.21
N THR A 105 14.89 -6.28 -17.34
CA THR A 105 15.05 -7.69 -17.01
C THR A 105 15.08 -7.88 -15.51
N LYS A 106 15.43 -9.09 -15.06
CA LYS A 106 15.66 -9.33 -13.64
C LYS A 106 17.11 -9.13 -13.25
N GLY A 107 18.04 -9.21 -14.20
CA GLY A 107 19.45 -8.99 -13.97
C GLY A 107 19.91 -7.56 -14.10
N ALA A 108 19.01 -6.63 -14.40
CA ALA A 108 19.33 -5.22 -14.48
C ALA A 108 18.83 -4.50 -13.24
N TYR A 109 19.55 -3.45 -12.84
CA TYR A 109 19.28 -2.74 -11.60
C TYR A 109 19.18 -1.25 -11.87
N SER A 110 18.72 -0.52 -10.84
CA SER A 110 18.61 0.93 -10.89
C SER A 110 19.03 1.49 -9.54
N LEU A 111 19.64 2.68 -9.57
CA LEU A 111 20.07 3.40 -8.38
C LEU A 111 19.23 4.67 -8.27
N SER A 112 18.56 4.84 -7.14
CA SER A 112 17.74 6.00 -6.86
C SER A 112 18.33 6.78 -5.70
N ILE A 113 18.67 8.05 -5.94
CA ILE A 113 19.32 8.89 -4.95
C ILE A 113 18.42 10.09 -4.66
N ARG A 114 18.40 10.52 -3.40
CA ARG A 114 17.69 11.74 -3.02
C ARG A 114 18.61 12.93 -3.25
N ASP A 115 18.22 13.83 -4.14
CA ASP A 115 19.01 14.99 -4.52
C ASP A 115 18.24 16.26 -4.17
N TRP A 116 18.89 17.41 -4.40
CA TRP A 116 18.26 18.70 -4.21
C TRP A 116 18.71 19.65 -5.30
N ASP A 117 17.75 20.24 -6.01
CA ASP A 117 17.97 21.40 -6.86
C ASP A 117 17.18 22.57 -6.29
N GLN A 118 17.56 23.78 -6.67
CA GLN A 118 16.78 24.93 -6.26
C GLN A 118 15.55 25.15 -7.12
N THR A 119 15.48 24.49 -8.28
CA THR A 119 14.29 24.52 -9.12
C THR A 119 13.35 23.35 -8.80
N ARG A 120 13.88 22.12 -8.78
CA ARG A 120 13.09 20.94 -8.49
C ARG A 120 12.80 20.78 -7.00
N GLY A 121 13.62 21.36 -6.13
CA GLY A 121 13.46 21.15 -4.71
C GLY A 121 14.04 19.82 -4.28
N ASP A 122 13.40 19.20 -3.29
CA ASP A 122 13.75 17.85 -2.89
C ASP A 122 13.14 16.86 -3.89
N HIS A 123 13.99 16.17 -4.64
CA HIS A 123 13.54 15.22 -5.65
C HIS A 123 14.48 14.02 -5.64
N VAL A 124 14.18 13.05 -6.50
CA VAL A 124 14.95 11.82 -6.60
C VAL A 124 15.46 11.67 -8.02
N LYS A 125 16.75 11.40 -8.16
CA LYS A 125 17.36 11.10 -9.45
C LYS A 125 17.58 9.59 -9.55
N HIS A 126 17.37 9.06 -10.75
CA HIS A 126 17.46 7.62 -11.00
C HIS A 126 18.56 7.34 -12.01
N TYR A 127 19.49 6.46 -11.64
CA TYR A 127 20.58 6.04 -12.50
C TYR A 127 20.37 4.58 -12.92
N LYS A 128 20.86 4.25 -14.10
CA LYS A 128 20.67 2.92 -14.70
C LYS A 128 21.94 2.10 -14.53
N ILE A 129 21.81 0.93 -13.92
CA ILE A 129 22.90 -0.01 -13.75
C ILE A 129 22.66 -1.19 -14.69
N ARG A 130 23.66 -1.54 -15.48
CA ARG A 130 23.54 -2.58 -16.48
C ARG A 130 24.87 -3.30 -16.63
N LYS A 131 24.89 -4.29 -17.52
CA LYS A 131 26.10 -5.06 -17.80
C LYS A 131 26.25 -5.29 -19.29
N GLY A 136 31.57 -5.97 -16.48
CA GLY A 136 31.00 -5.94 -15.15
C GLY A 136 29.90 -4.91 -14.98
N TYR A 137 29.34 -4.84 -13.78
CA TYR A 137 28.30 -3.85 -13.48
C TYR A 137 28.87 -2.44 -13.54
N TYR A 138 28.09 -1.51 -14.08
CA TYR A 138 28.57 -0.16 -14.29
C TYR A 138 27.39 0.79 -14.44
N ILE A 139 27.62 2.04 -14.07
CA ILE A 139 26.70 3.13 -14.38
C ILE A 139 27.17 3.95 -15.57
N THR A 140 28.47 4.28 -15.58
CA THR A 140 29.11 4.86 -16.74
C THR A 140 30.10 3.86 -17.32
N THR A 141 30.34 3.96 -18.64
CA THR A 141 31.23 3.02 -19.30
C THR A 141 32.68 3.15 -18.82
N ARG A 142 33.03 4.30 -18.24
CA ARG A 142 34.40 4.52 -17.79
C ARG A 142 34.77 3.57 -16.65
N VAL A 143 33.95 3.53 -15.60
CA VAL A 143 34.27 2.79 -14.38
C VAL A 143 33.25 1.68 -14.23
N GLN A 144 33.73 0.44 -14.17
CA GLN A 144 32.89 -0.73 -13.98
C GLN A 144 33.40 -1.55 -12.80
N PHE A 145 32.54 -2.44 -12.30
CA PHE A 145 32.84 -3.18 -11.08
C PHE A 145 32.42 -4.63 -11.25
N ASN A 146 32.90 -5.47 -10.33
CA ASN A 146 32.51 -6.88 -10.30
C ASN A 146 31.04 -7.01 -9.93
N SER A 147 30.70 -6.64 -8.70
CA SER A 147 29.35 -6.77 -8.17
C SER A 147 28.74 -5.38 -7.95
N VAL A 148 27.45 -5.38 -7.65
CA VAL A 148 26.76 -4.14 -7.32
C VAL A 148 27.22 -3.60 -5.97
N GLN A 149 27.54 -4.50 -5.04
CA GLN A 149 28.00 -4.07 -3.71
C GLN A 149 29.31 -3.29 -3.80
N GLU A 150 30.18 -3.64 -4.76
CA GLU A 150 31.38 -2.87 -4.99
C GLU A 150 31.09 -1.54 -5.69
N LEU A 151 30.07 -1.52 -6.55
CA LEU A 151 29.64 -0.26 -7.15
C LEU A 151 29.11 0.69 -6.09
N VAL A 152 28.27 0.17 -5.18
CA VAL A 152 27.74 0.99 -4.10
C VAL A 152 28.87 1.45 -3.18
N GLN A 153 29.81 0.56 -2.87
CA GLN A 153 30.92 0.93 -2.00
C GLN A 153 31.78 2.03 -2.62
N HIS A 154 31.99 1.97 -3.95
CA HIS A 154 32.80 2.97 -4.60
C HIS A 154 32.14 4.34 -4.58
N TYR A 155 30.85 4.40 -4.93
CA TYR A 155 30.14 5.67 -4.97
C TYR A 155 29.70 6.14 -3.59
N MET A 156 29.88 5.32 -2.55
CA MET A 156 29.75 5.81 -1.18
C MET A 156 31.01 6.51 -0.70
N GLU A 157 32.13 6.35 -1.42
CA GLU A 157 33.41 6.91 -1.02
C GLU A 157 33.91 8.01 -1.94
N VAL A 158 33.59 7.94 -3.23
CA VAL A 158 34.07 8.91 -4.21
C VAL A 158 32.88 9.39 -5.03
N ASN A 159 32.57 10.68 -4.93
CA ASN A 159 31.53 11.31 -5.76
C ASN A 159 32.11 11.49 -7.16
N ASP A 160 32.09 10.41 -7.93
CA ASP A 160 32.73 10.36 -9.24
C ASP A 160 31.68 10.35 -10.34
N GLY A 161 31.04 11.50 -10.53
CA GLY A 161 30.08 11.69 -11.59
C GLY A 161 28.63 11.66 -11.16
N LEU A 162 28.33 11.11 -9.98
CA LEU A 162 26.96 11.09 -9.51
C LEU A 162 26.51 12.48 -9.08
N CYS A 163 25.19 12.65 -8.96
CA CYS A 163 24.63 13.92 -8.53
C CYS A 163 24.99 14.25 -7.09
N ASN A 164 25.31 13.24 -6.28
CA ASN A 164 25.66 13.45 -4.89
C ASN A 164 26.37 12.21 -4.37
N LEU A 165 27.18 12.41 -3.33
CA LEU A 165 27.85 11.29 -2.68
C LEU A 165 26.83 10.44 -1.95
N LEU A 166 26.92 9.12 -2.13
CA LEU A 166 26.01 8.20 -1.45
C LEU A 166 26.26 8.25 0.06
N ILE A 167 25.23 8.67 0.81
CA ILE A 167 25.39 8.94 2.23
C ILE A 167 24.92 7.75 3.06
N ALA A 168 23.62 7.50 3.07
CA ALA A 168 23.04 6.48 3.92
C ALA A 168 21.96 5.72 3.16
N PRO A 169 21.71 4.46 3.52
CA PRO A 169 20.62 3.72 2.90
C PRO A 169 19.26 4.32 3.26
N CYS A 170 18.29 4.06 2.39
CA CYS A 170 16.94 4.56 2.62
C CYS A 170 16.30 3.86 3.80
N THR A 171 15.78 4.64 4.75
CA THR A 171 15.14 4.09 5.94
C THR A 171 13.80 4.78 6.15
N ILE A 172 12.75 3.98 6.29
CA ILE A 172 11.44 4.49 6.69
C ILE A 172 11.46 4.65 8.20
N MET A 173 11.56 5.89 8.67
CA MET A 173 11.83 6.17 10.08
C MET A 173 10.57 5.96 10.89
N LYS A 174 10.45 4.79 11.51
CA LYS A 174 9.40 4.54 12.49
C LYS A 174 9.93 4.83 13.89
N PRO A 175 9.12 5.49 14.73
CA PRO A 175 9.62 5.94 16.03
C PRO A 175 9.99 4.78 16.95
N GLN A 176 10.79 5.11 17.96
CA GLN A 176 11.33 4.11 18.88
C GLN A 176 10.40 3.96 20.07
N THR A 177 10.10 2.71 20.41
CA THR A 177 9.17 2.40 21.50
C THR A 177 9.96 2.29 22.81
N LEU A 178 9.38 1.63 23.82
CA LEU A 178 10.08 1.42 25.07
C LEU A 178 11.15 0.35 24.95
N GLY A 179 10.94 -0.63 24.07
CA GLY A 179 11.90 -1.69 23.88
C GLY A 179 11.89 -2.78 24.93
N LEU A 180 10.85 -2.85 25.75
CA LEU A 180 10.77 -3.87 26.79
C LEU A 180 10.17 -5.18 26.23
N LYS A 182 7.48 -10.03 26.57
CA LYS A 182 8.18 -9.01 25.78
C LYS A 182 7.27 -8.44 24.71
N ASP A 183 6.54 -7.38 25.07
CA ASP A 183 5.68 -6.67 24.13
C ASP A 183 6.45 -5.45 23.64
N ALA A 184 7.19 -5.63 22.55
CA ALA A 184 8.05 -4.57 22.02
C ALA A 184 7.28 -3.36 21.53
N TRP A 185 5.95 -3.42 21.51
CA TRP A 185 5.13 -2.31 21.04
C TRP A 185 4.56 -1.46 22.17
N GLU A 186 4.65 -1.93 23.42
CA GLU A 186 4.13 -1.17 24.54
C GLU A 186 4.90 0.13 24.74
N ILE A 187 4.18 1.24 24.89
CA ILE A 187 4.78 2.53 25.15
C ILE A 187 4.01 3.20 26.29
N SER A 188 4.66 4.17 26.93
CA SER A 188 4.01 4.94 27.97
C SER A 188 3.01 5.92 27.38
N ARG A 189 1.85 6.05 28.03
CA ARG A 189 0.81 6.94 27.55
C ARG A 189 1.27 8.40 27.56
N SER A 190 2.29 8.72 28.36
CA SER A 190 2.80 10.09 28.40
C SER A 190 3.36 10.54 27.06
N SER A 191 3.80 9.59 26.23
CA SER A 191 4.40 9.91 24.95
C SER A 191 3.39 10.23 23.86
N ILE A 192 2.11 9.93 24.08
CA ILE A 192 1.06 10.17 23.10
C ILE A 192 0.19 11.34 23.58
N THR A 193 -0.09 12.28 22.67
CA THR A 193 -0.94 13.42 22.97
C THR A 193 -2.02 13.50 21.91
N LEU A 194 -3.27 13.27 22.32
CA LEU A 194 -4.40 13.31 21.40
C LEU A 194 -4.77 14.76 21.11
N GLU A 195 -4.88 15.10 19.82
CA GLU A 195 -5.12 16.46 19.37
C GLU A 195 -6.53 16.69 18.85
N ARG A 196 -6.97 15.90 17.88
CA ARG A 196 -8.25 16.11 17.22
C ARG A 196 -8.94 14.78 16.97
N ARG A 197 -10.23 14.71 17.30
CA ARG A 197 -11.01 13.50 17.07
C ARG A 197 -11.34 13.40 15.58
N LEU A 198 -10.81 12.36 14.93
CA LEU A 198 -11.05 12.18 13.50
C LEU A 198 -12.34 11.42 13.21
N GLY A 199 -12.80 10.59 14.14
CA GLY A 199 -14.02 9.84 13.94
C GLY A 199 -14.47 9.19 15.23
N THR A 200 -15.76 8.89 15.29
CA THR A 200 -16.36 8.28 16.46
C THR A 200 -17.12 7.02 16.05
N GLY A 201 -17.30 6.12 17.01
CA GLY A 201 -17.99 4.87 16.73
C GLY A 201 -18.58 4.30 18.00
N CYS A 202 -19.24 3.14 17.83
CA CYS A 202 -19.88 2.49 18.97
C CYS A 202 -18.87 1.95 19.96
N PHE A 203 -17.67 1.61 19.49
CA PHE A 203 -16.67 0.97 20.34
C PHE A 203 -15.47 1.86 20.66
N GLY A 204 -15.40 3.04 20.07
CA GLY A 204 -14.29 3.93 20.34
C GLY A 204 -14.13 4.96 19.24
N ASP A 205 -13.18 5.86 19.47
CA ASP A 205 -12.88 6.95 18.56
C ASP A 205 -11.58 6.68 17.81
N VAL A 206 -11.37 7.45 16.75
CA VAL A 206 -10.10 7.50 16.03
C VAL A 206 -9.59 8.92 16.13
N TRP A 207 -8.38 9.09 16.68
CA TRP A 207 -7.84 10.40 16.97
C TRP A 207 -6.63 10.71 16.10
N LEU A 208 -6.41 11.99 15.86
CA LEU A 208 -5.15 12.51 15.35
C LEU A 208 -4.34 13.01 16.53
N GLY A 209 -3.12 12.51 16.69
CA GLY A 209 -2.27 12.89 17.79
C GLY A 209 -0.82 12.95 17.38
N THR A 210 0.03 13.23 18.36
CA THR A 210 1.47 13.28 18.14
C THR A 210 2.16 12.35 19.12
N TRP A 211 3.26 11.75 18.67
CA TRP A 211 4.12 10.93 19.52
C TRP A 211 5.41 11.71 19.74
N ASN A 212 5.67 12.07 20.99
CA ASN A 212 6.83 12.90 21.37
C ASN A 212 6.84 14.23 20.62
N GLY A 213 5.66 14.78 20.39
CA GLY A 213 5.52 16.12 19.84
C GLY A 213 5.90 16.29 18.38
N SER A 214 6.73 15.40 17.86
CA SER A 214 7.27 15.56 16.51
C SER A 214 6.42 14.85 15.46
N THR A 215 6.40 13.52 15.50
CA THR A 215 5.76 12.74 14.45
C THR A 215 4.25 12.64 14.67
N LYS A 216 3.49 12.83 13.61
CA LYS A 216 2.03 12.73 13.66
C LYS A 216 1.60 11.28 13.54
N VAL A 217 0.62 10.90 14.36
CA VAL A 217 0.12 9.52 14.41
C VAL A 217 -1.41 9.55 14.44
N ALA A 218 -1.99 8.37 14.26
CA ALA A 218 -3.43 8.16 14.41
C ALA A 218 -3.64 7.07 15.45
N VAL A 219 -4.53 7.34 16.40
CA VAL A 219 -4.74 6.46 17.55
C VAL A 219 -6.19 5.97 17.55
N LYS A 220 -6.37 4.65 17.65
CA LYS A 220 -7.67 4.05 17.86
C LYS A 220 -7.87 3.81 19.34
N THR A 221 -8.92 4.41 19.91
CA THR A 221 -9.21 4.27 21.33
C THR A 221 -10.38 3.31 21.55
N LEU A 222 -10.43 2.76 22.76
CA LEU A 222 -11.45 1.79 23.15
C LEU A 222 -12.30 2.40 24.25
N LYS A 223 -13.57 2.65 23.94
CA LYS A 223 -14.50 3.13 24.96
C LYS A 223 -14.74 2.02 25.98
N PRO A 224 -14.44 2.25 27.26
CA PRO A 224 -14.59 1.16 28.25
C PRO A 224 -16.03 0.66 28.32
N GLY A 225 -16.16 -0.63 28.60
CA GLY A 225 -17.45 -1.27 28.74
C GLY A 225 -18.11 -1.70 27.46
N THR A 226 -17.55 -1.33 26.30
CA THR A 226 -18.14 -1.69 25.01
C THR A 226 -17.45 -2.86 24.34
N MET A 227 -16.30 -3.30 24.84
CA MET A 227 -15.49 -4.30 24.17
C MET A 227 -14.38 -4.73 25.11
N SER A 228 -14.10 -6.03 25.13
CA SER A 228 -13.04 -6.54 25.98
C SER A 228 -11.68 -6.05 25.47
N PRO A 229 -10.69 -5.91 26.36
CA PRO A 229 -9.37 -5.49 25.91
C PRO A 229 -8.72 -6.45 24.92
N LYS A 230 -9.02 -7.75 25.03
CA LYS A 230 -8.44 -8.71 24.10
C LYS A 230 -9.08 -8.60 22.71
N ALA A 231 -10.41 -8.48 22.66
CA ALA A 231 -11.09 -8.35 21.37
C ALA A 231 -10.71 -7.07 20.65
N PHE A 232 -10.41 -6.01 21.40
CA PHE A 232 -9.98 -4.76 20.78
C PHE A 232 -8.54 -4.84 20.30
N LEU A 233 -7.66 -5.42 21.11
CA LEU A 233 -6.25 -5.53 20.76
C LEU A 233 -5.97 -6.62 19.73
N GLU A 234 -6.96 -7.47 19.42
CA GLU A 234 -6.77 -8.46 18.36
C GLU A 234 -6.45 -7.78 17.03
N GLU A 235 -7.00 -6.59 16.80
CA GLU A 235 -6.61 -5.81 15.63
C GLU A 235 -5.12 -5.52 15.64
N ALA A 236 -4.58 -5.13 16.79
CA ALA A 236 -3.14 -4.88 16.88
C ALA A 236 -2.34 -6.16 16.67
N GLN A 237 -2.85 -7.29 17.17
CA GLN A 237 -2.14 -8.56 16.99
C GLN A 237 -2.04 -8.92 15.51
N VAL A 238 -3.12 -8.71 14.76
CA VAL A 238 -3.09 -8.96 13.32
C VAL A 238 -2.15 -8.00 12.61
N MET A 239 -2.15 -6.73 13.03
CA MET A 239 -1.29 -5.74 12.39
C MET A 239 0.18 -5.97 12.68
N LYS A 240 0.52 -6.66 13.77
CA LYS A 240 1.91 -7.04 14.01
C LYS A 240 2.42 -8.00 12.94
N LEU A 241 1.54 -8.92 12.51
CA LEU A 241 1.93 -9.92 11.52
C LEU A 241 1.94 -9.34 10.11
N LEU A 242 0.95 -8.50 9.78
CA LEU A 242 0.86 -7.89 8.47
C LEU A 242 1.66 -6.59 8.47
N ARG A 243 2.91 -6.69 8.01
CA ARG A 243 3.82 -5.55 7.96
C ARG A 243 4.28 -5.37 6.52
N HIS A 244 3.83 -4.29 5.89
CA HIS A 244 4.17 -4.01 4.51
C HIS A 244 4.01 -2.51 4.29
N ASP A 245 4.82 -1.96 3.38
CA ASP A 245 4.79 -0.53 3.12
C ASP A 245 3.47 -0.09 2.49
N LYS A 246 2.69 -1.01 1.92
CA LYS A 246 1.39 -0.71 1.35
C LYS A 246 0.24 -1.14 2.24
N LEU A 247 0.52 -1.48 3.50
CA LEU A 247 -0.49 -1.68 4.52
C LEU A 247 -0.23 -0.68 5.65
N VAL A 248 -1.31 -0.30 6.35
CA VAL A 248 -1.17 0.66 7.44
C VAL A 248 -0.23 0.08 8.49
N GLN A 249 0.82 0.84 8.80
CA GLN A 249 1.88 0.36 9.69
C GLN A 249 1.47 0.61 11.13
N LEU A 250 1.48 -0.46 11.94
CA LEU A 250 1.26 -0.32 13.38
C LEU A 250 2.51 0.23 14.03
N TYR A 251 2.36 1.27 14.84
CA TYR A 251 3.49 1.89 15.52
C TYR A 251 3.66 1.38 16.94
N ALA A 252 2.61 1.44 17.75
CA ALA A 252 2.69 1.07 19.16
C ALA A 252 1.29 0.89 19.70
N VAL A 253 1.21 0.46 20.97
CA VAL A 253 -0.06 0.25 21.67
C VAL A 253 0.08 0.74 23.11
N VAL A 254 -1.05 0.87 23.78
CA VAL A 254 -1.12 1.14 25.21
C VAL A 254 -2.13 0.17 25.79
N SER A 255 -1.64 -0.84 26.50
CA SER A 255 -2.45 -2.00 26.88
C SER A 255 -3.26 -1.80 28.16
N GLU A 256 -3.15 -0.65 28.82
CA GLU A 256 -3.98 -0.34 29.97
C GLU A 256 -5.17 0.52 29.53
N GLU A 257 -6.29 0.35 30.24
CA GLU A 257 -7.49 1.12 29.92
C GLU A 257 -7.23 2.60 30.21
N PRO A 258 -7.58 3.51 29.28
CA PRO A 258 -8.17 3.23 27.97
C PRO A 258 -7.15 2.77 26.93
N ILE A 259 -7.49 1.73 26.17
CA ILE A 259 -6.55 1.10 25.27
C ILE A 259 -6.27 1.99 24.07
N TYR A 260 -5.00 2.08 23.68
CA TYR A 260 -4.58 2.82 22.50
C TYR A 260 -4.03 1.85 21.46
N ILE A 261 -4.32 2.12 20.19
CA ILE A 261 -3.66 1.47 19.06
C ILE A 261 -3.10 2.58 18.19
N VAL A 262 -1.79 2.79 18.26
CA VAL A 262 -1.13 3.88 17.56
C VAL A 262 -0.58 3.36 16.24
N THR A 263 -0.85 4.08 15.15
CA THR A 263 -0.39 3.70 13.83
C THR A 263 0.17 4.92 13.11
N GLU A 264 0.69 4.68 11.91
CA GLU A 264 1.10 5.75 11.02
C GLU A 264 -0.10 6.63 10.70
N PHE A 265 0.18 7.88 10.31
CA PHE A 265 -0.86 8.85 10.02
C PHE A 265 -0.89 9.13 8.51
N MET A 266 -2.02 8.80 7.88
CA MET A 266 -2.26 9.09 6.47
C MET A 266 -3.03 10.40 6.39
N CYS A 267 -2.35 11.48 5.98
CA CYS A 267 -2.84 12.83 6.21
C CYS A 267 -4.10 13.15 5.41
N HIS A 268 -4.27 12.54 4.23
CA HIS A 268 -5.43 12.84 3.41
C HIS A 268 -6.65 12.00 3.75
N GLY A 269 -6.50 10.96 4.56
CA GLY A 269 -7.63 10.16 4.98
C GLY A 269 -8.13 9.19 3.93
N SER A 270 -9.45 9.03 3.87
CA SER A 270 -10.05 8.05 2.97
C SER A 270 -9.79 8.39 1.51
N LEU A 271 -9.53 7.35 0.72
CA LEU A 271 -9.37 7.53 -0.73
C LEU A 271 -10.65 8.02 -1.37
N LEU A 272 -11.81 7.60 -0.85
CA LEU A 272 -13.08 8.05 -1.41
C LEU A 272 -13.28 9.54 -1.21
N ASP A 273 -12.93 10.05 -0.02
CA ASP A 273 -12.97 11.50 0.20
C ASP A 273 -11.90 12.20 -0.62
N PHE A 274 -10.71 11.60 -0.73
CA PHE A 274 -9.62 12.21 -1.47
C PHE A 274 -9.96 12.36 -2.95
N LEU A 275 -10.66 11.38 -3.52
CA LEU A 275 -11.01 11.46 -4.94
C LEU A 275 -12.06 12.53 -5.20
N LYS A 276 -12.94 12.79 -4.24
CA LYS A 276 -14.01 13.76 -4.41
C LYS A 276 -13.60 15.16 -3.97
N ASN A 277 -12.38 15.34 -3.46
CA ASN A 277 -11.87 16.65 -3.09
C ASN A 277 -11.28 17.35 -4.31
N PRO A 278 -11.11 18.67 -4.26
CA PRO A 278 -10.57 19.39 -5.43
C PRO A 278 -9.24 18.85 -5.93
N GLU A 279 -8.38 18.33 -5.05
CA GLU A 279 -7.09 17.79 -5.50
C GLU A 279 -7.28 16.50 -6.28
N GLY A 280 -8.15 15.61 -5.80
CA GLY A 280 -8.35 14.34 -6.47
C GLY A 280 -9.05 14.47 -7.81
N GLN A 281 -9.86 15.52 -7.99
CA GLN A 281 -10.55 15.72 -9.25
C GLN A 281 -9.58 16.06 -10.38
N ASP A 282 -8.44 16.67 -10.06
CA ASP A 282 -7.43 17.02 -11.04
C ASP A 282 -6.41 15.91 -11.25
N LEU A 283 -6.69 14.70 -10.78
CA LEU A 283 -5.77 13.58 -10.97
C LEU A 283 -5.85 13.06 -12.39
N ARG A 284 -4.69 12.80 -12.97
CA ARG A 284 -4.61 12.28 -14.33
C ARG A 284 -4.69 10.76 -14.33
N LEU A 285 -4.83 10.19 -15.53
CA LEU A 285 -4.92 8.74 -15.66
C LEU A 285 -3.68 8.01 -15.16
N PRO A 286 -2.45 8.42 -15.49
CA PRO A 286 -1.29 7.72 -14.93
C PRO A 286 -1.22 7.77 -13.41
N GLN A 287 -1.74 8.84 -12.80
CA GLN A 287 -1.74 8.92 -11.34
C GLN A 287 -2.72 7.94 -10.72
N LEU A 288 -3.91 7.81 -11.32
CA LEU A 288 -4.91 6.87 -10.80
C LEU A 288 -4.43 5.44 -10.92
N VAL A 289 -3.77 5.10 -12.03
CA VAL A 289 -3.27 3.74 -12.22
C VAL A 289 -2.18 3.43 -11.20
N ASP A 290 -1.32 4.41 -10.88
CA ASP A 290 -0.29 4.19 -9.88
C ASP A 290 -0.90 3.88 -8.52
N MET A 291 -1.95 4.62 -8.14
CA MET A 291 -2.64 4.33 -6.89
C MET A 291 -3.28 2.95 -6.93
N ALA A 292 -3.78 2.54 -8.10
CA ALA A 292 -4.36 1.21 -8.23
C ALA A 292 -3.29 0.14 -8.09
N ALA A 293 -2.11 0.36 -8.65
CA ALA A 293 -1.02 -0.61 -8.50
C ALA A 293 -0.60 -0.74 -7.04
N GLN A 294 -0.64 0.35 -6.28
CA GLN A 294 -0.29 0.29 -4.86
C GLN A 294 -1.29 -0.53 -4.07
N VAL A 295 -2.59 -0.35 -4.35
CA VAL A 295 -3.61 -1.15 -3.67
C VAL A 295 -3.45 -2.63 -4.02
N ALA A 296 -3.20 -2.93 -5.29
CA ALA A 296 -2.95 -4.31 -5.69
C ALA A 296 -1.66 -4.84 -5.07
N GLU A 297 -0.65 -3.98 -4.90
CA GLU A 297 0.57 -4.41 -4.23
C GLU A 297 0.30 -4.78 -2.78
N GLY A 298 -0.55 -4.00 -2.10
CA GLY A 298 -0.88 -4.32 -0.73
C GLY A 298 -1.66 -5.61 -0.60
N MET A 299 -2.63 -5.84 -1.50
CA MET A 299 -3.40 -7.06 -1.45
C MET A 299 -2.59 -8.27 -1.92
N ALA A 300 -1.61 -8.05 -2.81
CA ALA A 300 -0.71 -9.13 -3.17
C ALA A 300 0.08 -9.62 -1.97
N TYR A 301 0.40 -8.72 -1.04
CA TYR A 301 1.08 -9.13 0.19
C TYR A 301 0.16 -9.98 1.06
N MET A 302 -1.09 -9.54 1.26
CA MET A 302 -2.06 -10.35 1.97
C MET A 302 -2.29 -11.68 1.28
N GLU A 303 -2.18 -11.71 -0.05
CA GLU A 303 -2.30 -12.95 -0.79
C GLU A 303 -1.18 -13.92 -0.42
N ARG A 304 0.05 -13.39 -0.26
CA ARG A 304 1.17 -14.24 0.13
C ARG A 304 1.07 -14.71 1.57
N MET A 305 0.45 -13.92 2.43
CA MET A 305 0.32 -14.26 3.85
C MET A 305 -0.94 -15.06 4.16
N ASN A 306 -1.74 -15.41 3.14
CA ASN A 306 -2.97 -16.17 3.32
C ASN A 306 -3.96 -15.45 4.23
N TYR A 307 -4.04 -14.13 4.08
CA TYR A 307 -5.05 -13.31 4.72
C TYR A 307 -5.99 -12.76 3.64
N ILE A 308 -7.21 -12.40 4.07
CA ILE A 308 -8.17 -11.76 3.20
C ILE A 308 -8.73 -10.53 3.91
N HIS A 309 -9.16 -9.55 3.12
CA HIS A 309 -9.63 -8.29 3.67
C HIS A 309 -11.13 -8.29 3.96
N ARG A 310 -11.92 -8.87 3.05
CA ARG A 310 -13.37 -9.03 3.20
C ARG A 310 -14.13 -7.71 3.03
N ASP A 311 -13.43 -6.58 3.17
CA ASP A 311 -14.05 -5.26 3.09
C ASP A 311 -13.23 -4.32 2.22
N LEU A 312 -12.67 -4.84 1.13
CA LEU A 312 -11.85 -4.03 0.24
C LEU A 312 -12.73 -3.08 -0.56
N ARG A 313 -12.46 -1.78 -0.45
CA ARG A 313 -13.25 -0.74 -1.09
C ARG A 313 -12.46 0.56 -0.99
N ALA A 314 -12.89 1.55 -1.79
CA ALA A 314 -12.17 2.83 -1.81
C ALA A 314 -12.26 3.54 -0.47
N ALA A 315 -13.36 3.36 0.26
CA ALA A 315 -13.49 3.99 1.57
C ALA A 315 -12.52 3.41 2.59
N ASN A 316 -12.00 2.20 2.35
CA ASN A 316 -11.06 1.56 3.25
C ASN A 316 -9.62 1.70 2.78
N ILE A 317 -9.34 2.65 1.90
CA ILE A 317 -7.99 2.95 1.44
C ILE A 317 -7.60 4.32 1.97
N LEU A 318 -6.43 4.40 2.60
CA LEU A 318 -5.94 5.65 3.16
C LEU A 318 -4.85 6.22 2.26
N VAL A 319 -4.92 7.53 2.02
CA VAL A 319 -4.03 8.23 1.11
C VAL A 319 -3.12 9.16 1.90
N GLY A 320 -1.83 9.07 1.66
CA GLY A 320 -0.86 9.93 2.33
C GLY A 320 -0.25 10.97 1.41
N GLU A 321 1.06 11.13 1.48
CA GLU A 321 1.76 12.13 0.69
C GLU A 321 2.25 11.54 -0.62
N ARG A 322 2.20 12.34 -1.69
CA ARG A 322 2.61 11.93 -3.02
C ARG A 322 1.80 10.72 -3.50
N LEU A 323 0.50 10.73 -3.20
CA LEU A 323 -0.44 9.69 -3.65
C LEU A 323 -0.02 8.31 -3.12
N ALA A 324 0.44 8.26 -1.87
CA ALA A 324 0.82 7.01 -1.24
C ALA A 324 -0.44 6.37 -0.64
N CYS A 325 -0.88 5.27 -1.25
CA CYS A 325 -2.07 4.56 -0.79
C CYS A 325 -1.67 3.38 0.09
N LYS A 326 -2.47 3.12 1.12
CA LYS A 326 -2.25 1.99 2.00
C LYS A 326 -3.57 1.30 2.29
N ILE A 327 -3.50 0.00 2.54
CA ILE A 327 -4.68 -0.79 2.87
C ILE A 327 -5.05 -0.54 4.32
N ALA A 328 -6.34 -0.34 4.58
CA ALA A 328 -6.84 -0.12 5.92
C ALA A 328 -8.19 -0.84 6.07
N ASP A 329 -8.72 -0.82 7.29
CA ASP A 329 -10.01 -1.43 7.57
C ASP A 329 -10.58 -0.82 8.84
N PHE A 330 -11.89 -0.70 8.88
CA PHE A 330 -12.58 -0.13 10.03
C PHE A 330 -13.79 -0.98 10.37
N GLY A 331 -14.21 -0.92 11.63
CA GLY A 331 -15.35 -1.67 12.09
C GLY A 331 -15.11 -3.18 12.10
N LEU A 332 -14.09 -3.61 12.82
CA LEU A 332 -13.72 -5.02 12.87
C LEU A 332 -14.43 -5.79 13.98
N ALA A 333 -15.36 -5.16 14.70
CA ALA A 333 -16.07 -5.86 15.76
C ALA A 333 -17.05 -6.89 15.20
N ARG A 334 -17.48 -6.74 13.96
CA ARG A 334 -18.36 -7.73 13.34
C ARG A 334 -17.63 -9.01 12.98
N LEU A 335 -16.30 -8.97 12.90
CA LEU A 335 -15.50 -10.12 12.49
C LEU A 335 -14.87 -10.86 13.67
N ILE A 336 -15.21 -10.48 14.90
CA ILE A 336 -14.63 -11.11 16.07
C ILE A 336 -15.37 -12.40 16.38
N LYS A 337 -14.62 -13.49 16.55
CA LYS A 337 -15.20 -14.78 16.90
C LYS A 337 -14.74 -15.21 18.29
N ASP A 338 -13.48 -15.66 18.39
CA ASP A 338 -12.87 -16.04 19.66
C ASP A 338 -11.56 -15.28 19.80
N ASP A 339 -11.66 -13.95 19.92
CA ASP A 339 -10.51 -13.06 19.87
C ASP A 339 -9.70 -13.30 18.61
N GLU A 340 -10.41 -13.54 17.51
CA GLU A 340 -9.81 -13.76 16.21
C GLU A 340 -10.78 -13.30 15.14
N TYR A 341 -10.26 -13.07 13.94
CA TYR A 341 -11.03 -12.49 12.84
C TYR A 341 -11.46 -13.61 11.89
N ASN A 342 -12.73 -14.01 12.00
CA ASN A 342 -13.31 -15.00 11.10
C ASN A 342 -14.08 -14.28 10.00
N PRO A 343 -13.67 -14.40 8.75
CA PRO A 343 -14.34 -13.62 7.69
C PRO A 343 -15.65 -14.22 7.20
N CYS A 344 -15.88 -15.51 7.41
CA CYS A 344 -17.06 -16.17 6.86
C CYS A 344 -18.33 -15.91 7.66
N GLN A 345 -18.22 -15.40 8.89
CA GLN A 345 -19.39 -15.11 9.71
C GLN A 345 -19.88 -13.69 9.43
N GLY A 346 -21.20 -13.52 9.48
CA GLY A 346 -21.81 -12.22 9.21
C GLY A 346 -21.55 -11.19 10.29
N PHE A 349 -22.71 -6.85 5.38
CA PHE A 349 -21.61 -6.58 4.46
C PHE A 349 -22.07 -5.70 3.29
N PRO A 350 -21.15 -4.91 2.73
CA PRO A 350 -21.51 -4.05 1.58
C PRO A 350 -21.78 -4.90 0.35
N ILE A 351 -22.99 -4.77 -0.19
CA ILE A 351 -23.43 -5.65 -1.27
C ILE A 351 -22.65 -5.36 -2.55
N LYS A 352 -22.49 -4.08 -2.89
CA LYS A 352 -21.92 -3.71 -4.19
C LYS A 352 -20.42 -3.96 -4.28
N TRP A 353 -19.76 -4.40 -3.21
CA TRP A 353 -18.34 -4.67 -3.25
C TRP A 353 -17.98 -6.13 -3.02
N THR A 354 -18.83 -6.91 -2.35
CA THR A 354 -18.53 -8.31 -2.08
C THR A 354 -18.94 -9.18 -3.26
N ALA A 355 -18.12 -10.20 -3.54
CA ALA A 355 -18.38 -11.09 -4.66
C ALA A 355 -19.71 -11.81 -4.45
N PRO A 356 -20.39 -12.20 -5.56
CA PRO A 356 -21.71 -12.83 -5.41
C PRO A 356 -21.68 -14.16 -4.67
N GLU A 357 -20.61 -14.93 -4.77
CA GLU A 357 -20.54 -16.19 -4.04
C GLU A 357 -20.35 -15.96 -2.55
N ALA A 358 -19.84 -14.81 -2.14
CA ALA A 358 -19.72 -14.50 -0.72
C ALA A 358 -21.01 -13.94 -0.14
N ALA A 359 -21.78 -13.22 -0.95
CA ALA A 359 -23.03 -12.63 -0.47
C ALA A 359 -24.14 -13.67 -0.37
N LEU A 360 -24.09 -14.74 -1.18
CA LEU A 360 -25.13 -15.76 -1.18
C LEU A 360 -24.73 -17.01 -0.42
N PHE A 361 -23.47 -17.44 -0.51
CA PHE A 361 -23.02 -18.66 0.13
C PHE A 361 -21.91 -18.45 1.14
N GLY A 362 -21.49 -17.22 1.38
CA GLY A 362 -20.49 -16.95 2.41
C GLY A 362 -19.10 -17.45 2.09
N ARG A 363 -18.76 -17.58 0.81
CA ARG A 363 -17.45 -18.09 0.40
C ARG A 363 -16.48 -16.92 0.29
N PHE A 364 -15.99 -16.47 1.44
CA PHE A 364 -15.06 -15.36 1.51
C PHE A 364 -13.64 -15.88 1.36
N THR A 365 -13.01 -15.55 0.24
CA THR A 365 -11.63 -15.95 -0.03
C THR A 365 -10.89 -14.76 -0.62
N ILE A 366 -9.62 -14.96 -0.97
CA ILE A 366 -8.85 -13.90 -1.61
C ILE A 366 -9.40 -13.61 -2.99
N LYS A 367 -10.08 -14.59 -3.61
CA LYS A 367 -10.71 -14.36 -4.91
C LYS A 367 -11.91 -13.43 -4.80
N SER A 368 -12.57 -13.39 -3.64
CA SER A 368 -13.64 -12.44 -3.44
C SER A 368 -13.11 -11.02 -3.25
N ASP A 369 -11.90 -10.88 -2.71
CA ASP A 369 -11.27 -9.58 -2.63
C ASP A 369 -10.85 -9.07 -4.01
N VAL A 370 -10.56 -10.00 -4.95
CA VAL A 370 -10.27 -9.60 -6.31
C VAL A 370 -11.51 -8.99 -6.96
N TRP A 371 -12.68 -9.56 -6.71
CA TRP A 371 -13.93 -8.93 -7.13
C TRP A 371 -14.07 -7.56 -6.49
N SER A 372 -13.72 -7.44 -5.21
CA SER A 372 -13.77 -6.14 -4.55
C SER A 372 -12.79 -5.16 -5.17
N PHE A 373 -11.60 -5.63 -5.53
CA PHE A 373 -10.61 -4.75 -6.16
C PHE A 373 -11.11 -4.26 -7.52
N GLY A 374 -11.84 -5.09 -8.24
CA GLY A 374 -12.40 -4.65 -9.50
C GLY A 374 -13.43 -3.55 -9.32
N ILE A 375 -14.24 -3.65 -8.25
CA ILE A 375 -15.16 -2.57 -7.94
C ILE A 375 -14.39 -1.34 -7.47
N LEU A 376 -13.28 -1.53 -6.77
CA LEU A 376 -12.46 -0.41 -6.34
C LEU A 376 -11.88 0.33 -7.54
N LEU A 377 -11.54 -0.40 -8.61
CA LEU A 377 -11.00 0.23 -9.81
C LEU A 377 -12.03 1.17 -10.44
N THR A 378 -13.32 0.82 -10.37
CA THR A 378 -14.35 1.70 -10.89
C THR A 378 -14.47 2.98 -10.06
N GLU A 379 -14.23 2.88 -8.75
CA GLU A 379 -14.25 4.09 -7.91
C GLU A 379 -13.06 4.98 -8.24
N LEU A 380 -11.89 4.39 -8.52
CA LEU A 380 -10.71 5.18 -8.84
C LEU A 380 -10.84 5.85 -10.20
N ILE A 381 -11.24 5.09 -11.23
CA ILE A 381 -11.25 5.61 -12.59
C ILE A 381 -12.36 6.64 -12.78
N THR A 382 -13.35 6.68 -11.89
CA THR A 382 -14.41 7.67 -11.95
C THR A 382 -14.27 8.74 -10.87
N LYS A 383 -13.19 8.70 -10.08
CA LYS A 383 -12.92 9.68 -9.04
C LYS A 383 -14.05 9.72 -8.00
N GLY A 384 -14.45 8.54 -7.54
CA GLY A 384 -15.35 8.43 -6.41
C GLY A 384 -16.82 8.25 -6.73
N ARG A 385 -17.16 7.69 -7.88
CA ARG A 385 -18.55 7.47 -8.22
C ARG A 385 -19.07 6.19 -7.57
N ILE A 386 -20.36 6.21 -7.20
CA ILE A 386 -20.98 5.05 -6.57
C ILE A 386 -21.02 3.89 -7.57
N PRO A 387 -20.71 2.67 -7.16
CA PRO A 387 -20.81 1.54 -8.09
C PRO A 387 -22.26 1.18 -8.39
N TYR A 388 -22.48 0.69 -9.61
CA TYR A 388 -23.81 0.33 -10.10
C TYR A 388 -24.77 1.49 -9.90
N PRO A 389 -24.67 2.55 -10.71
CA PRO A 389 -25.55 3.71 -10.52
C PRO A 389 -26.99 3.39 -10.86
N GLY A 390 -27.91 3.94 -10.06
CA GLY A 390 -29.32 3.77 -10.29
C GLY A 390 -29.90 2.41 -9.93
N MET A 391 -29.09 1.50 -9.40
CA MET A 391 -29.56 0.18 -8.99
C MET A 391 -29.50 0.07 -7.48
N ASN A 392 -30.60 -0.38 -6.88
CA ASN A 392 -30.65 -0.59 -5.44
C ASN A 392 -29.86 -1.84 -5.07
N LYS A 393 -29.76 -2.09 -3.76
CA LYS A 393 -28.97 -3.22 -3.28
C LYS A 393 -29.55 -4.57 -3.68
N ARG A 394 -30.83 -4.62 -4.04
CA ARG A 394 -31.44 -5.88 -4.44
C ARG A 394 -31.27 -6.16 -5.93
N GLU A 395 -31.28 -5.11 -6.75
CA GLU A 395 -31.15 -5.30 -8.20
C GLU A 395 -29.75 -5.78 -8.59
N VAL A 396 -28.72 -5.31 -7.88
CA VAL A 396 -27.36 -5.69 -8.24
C VAL A 396 -27.14 -7.19 -8.03
N LEU A 397 -27.62 -7.72 -6.91
CA LEU A 397 -27.40 -9.14 -6.62
C LEU A 397 -28.12 -10.04 -7.62
N GLU A 398 -29.29 -9.62 -8.11
CA GLU A 398 -29.98 -10.42 -9.12
C GLU A 398 -29.30 -10.30 -10.48
N GLN A 399 -28.87 -9.09 -10.85
CA GLN A 399 -28.26 -8.90 -12.15
C GLN A 399 -26.87 -9.51 -12.23
N VAL A 400 -26.11 -9.45 -11.13
CA VAL A 400 -24.76 -10.01 -11.13
C VAL A 400 -24.82 -11.51 -11.35
N GLU A 401 -25.77 -12.20 -10.72
CA GLU A 401 -25.90 -13.63 -10.92
C GLU A 401 -26.42 -13.99 -12.31
N GLN A 402 -27.05 -13.03 -13.00
CA GLN A 402 -27.41 -13.20 -14.40
C GLN A 402 -26.25 -12.88 -15.35
N GLY A 403 -25.04 -12.71 -14.80
CA GLY A 403 -23.88 -12.42 -15.61
C GLY A 403 -23.59 -10.96 -15.85
N TYR A 404 -24.41 -10.05 -15.31
CA TYR A 404 -24.24 -8.63 -15.55
C TYR A 404 -23.15 -8.04 -14.66
N HIS A 405 -22.37 -7.14 -15.24
CA HIS A 405 -21.42 -6.33 -14.49
C HIS A 405 -21.43 -4.93 -15.08
N MET A 406 -20.70 -4.02 -14.42
CA MET A 406 -20.71 -2.63 -14.84
C MET A 406 -20.07 -2.47 -16.22
N PRO A 407 -20.59 -1.54 -17.04
CA PRO A 407 -19.96 -1.28 -18.34
C PRO A 407 -18.64 -0.54 -18.19
N CYS A 408 -17.98 -0.24 -19.30
CA CYS A 408 -16.75 0.54 -19.24
C CYS A 408 -17.06 1.94 -18.72
N PRO A 409 -16.47 2.35 -17.59
CA PRO A 409 -16.78 3.66 -17.04
C PRO A 409 -16.31 4.78 -17.95
N PRO A 410 -16.89 5.96 -17.84
CA PRO A 410 -16.44 7.09 -18.68
C PRO A 410 -14.97 7.42 -18.42
N GLY A 411 -14.22 7.54 -19.51
CA GLY A 411 -12.81 7.85 -19.43
C GLY A 411 -11.90 6.69 -19.09
N CYS A 412 -12.44 5.47 -19.00
CA CYS A 412 -11.64 4.30 -18.69
C CYS A 412 -11.12 3.66 -19.97
N PRO A 413 -9.83 3.39 -20.09
CA PRO A 413 -9.30 2.78 -21.31
C PRO A 413 -9.80 1.34 -21.45
N ALA A 414 -9.70 0.83 -22.68
CA ALA A 414 -10.16 -0.52 -22.96
C ALA A 414 -9.31 -1.56 -22.24
N SER A 415 -8.00 -1.32 -22.14
CA SER A 415 -7.10 -2.29 -21.52
C SER A 415 -7.40 -2.43 -20.03
N LEU A 416 -7.66 -1.31 -19.34
CA LEU A 416 -7.97 -1.38 -17.92
C LEU A 416 -9.34 -2.03 -17.69
N TYR A 417 -10.33 -1.73 -18.53
CA TYR A 417 -11.64 -2.33 -18.38
C TYR A 417 -11.61 -3.82 -18.61
N GLU A 418 -10.66 -4.30 -19.43
CA GLU A 418 -10.48 -5.74 -19.60
C GLU A 418 -10.05 -6.40 -18.30
N ALA A 419 -9.14 -5.75 -17.56
CA ALA A 419 -8.71 -6.29 -16.27
C ALA A 419 -9.86 -6.30 -15.28
N MET A 420 -10.73 -5.28 -15.34
CA MET A 420 -11.90 -5.26 -14.46
C MET A 420 -12.84 -6.44 -14.75
N GLU A 421 -13.08 -6.71 -16.04
CA GLU A 421 -13.96 -7.82 -16.40
C GLU A 421 -13.38 -9.16 -15.97
N GLN A 422 -12.05 -9.29 -15.96
CA GLN A 422 -11.43 -10.52 -15.49
C GLN A 422 -11.65 -10.70 -14.00
N THR A 423 -11.64 -9.62 -13.22
CA THR A 423 -11.91 -9.71 -11.79
C THR A 423 -13.38 -9.93 -11.48
N TRP A 424 -14.24 -9.94 -12.49
CA TRP A 424 -15.68 -10.10 -12.30
C TRP A 424 -16.21 -11.38 -12.92
N ARG A 425 -15.32 -12.31 -13.26
CA ARG A 425 -15.76 -13.61 -13.74
C ARG A 425 -16.42 -14.40 -12.61
N LEU A 426 -17.57 -15.00 -12.91
CA LEU A 426 -18.37 -15.66 -11.89
C LEU A 426 -17.67 -16.89 -11.30
N ASP A 427 -16.70 -17.47 -12.01
CA ASP A 427 -15.91 -18.56 -11.47
C ASP A 427 -14.77 -17.95 -10.66
N PRO A 428 -14.79 -18.06 -9.33
CA PRO A 428 -13.73 -17.41 -8.53
C PRO A 428 -12.34 -17.90 -8.84
N GLU A 429 -12.18 -19.16 -9.23
CA GLU A 429 -10.84 -19.69 -9.53
C GLU A 429 -10.30 -19.19 -10.86
N GLU A 430 -11.13 -18.58 -11.71
CA GLU A 430 -10.68 -18.00 -12.97
C GLU A 430 -10.38 -16.52 -12.86
N ARG A 431 -10.57 -15.92 -11.68
CA ARG A 431 -10.22 -14.53 -11.49
C ARG A 431 -8.71 -14.38 -11.34
N PRO A 432 -8.15 -13.25 -11.79
CA PRO A 432 -6.70 -13.07 -11.70
C PRO A 432 -6.23 -13.00 -10.26
N THR A 433 -4.97 -13.34 -10.05
CA THR A 433 -4.35 -13.17 -8.75
C THR A 433 -3.90 -11.72 -8.57
N PHE A 434 -3.73 -11.33 -7.31
CA PHE A 434 -3.24 -9.99 -7.03
C PHE A 434 -1.80 -9.79 -7.49
N GLU A 435 -1.03 -10.87 -7.61
CA GLU A 435 0.32 -10.75 -8.15
C GLU A 435 0.28 -10.34 -9.62
N TYR A 436 -0.68 -10.87 -10.38
CA TYR A 436 -0.84 -10.45 -11.77
C TYR A 436 -1.38 -9.03 -11.86
N LEU A 437 -2.35 -8.69 -11.00
CA LEU A 437 -2.94 -7.35 -11.05
C LEU A 437 -1.92 -6.28 -10.72
N GLN A 438 -1.07 -6.53 -9.71
CA GLN A 438 -0.01 -5.58 -9.38
C GLN A 438 0.94 -5.40 -10.56
N SER A 439 1.42 -6.51 -11.13
CA SER A 439 2.34 -6.43 -12.27
C SER A 439 1.67 -5.81 -13.49
N PHE A 440 0.38 -6.05 -13.68
CA PHE A 440 -0.32 -5.45 -14.81
C PHE A 440 -0.43 -3.94 -14.65
N LEU A 441 -0.89 -3.48 -13.48
CA LEU A 441 -1.06 -2.06 -13.27
C LEU A 441 0.26 -1.33 -13.16
N GLU A 442 1.30 -1.99 -12.66
CA GLU A 442 2.61 -1.35 -12.54
C GLU A 442 3.28 -1.20 -13.90
N ASP A 443 3.03 -2.14 -14.82
CA ASP A 443 3.54 -2.07 -16.18
C ASP A 443 2.44 -1.74 -17.17
N TYR A 444 1.47 -0.92 -16.74
CA TYR A 444 0.34 -0.57 -17.61
C TYR A 444 0.72 0.43 -18.69
N PHE A 445 1.62 1.35 -18.37
CA PHE A 445 2.05 2.36 -19.34
C PHE A 445 3.41 2.03 -19.97
N THR A 446 4.15 1.08 -19.43
CA THR A 446 5.39 0.61 -20.04
C THR A 446 5.01 -0.34 -21.18
N SER A 447 5.07 0.16 -22.41
CA SER A 447 4.64 -0.61 -23.56
C SER A 447 5.61 -1.77 -23.82
N ALA A 448 5.15 -2.71 -24.64
CA ALA A 448 5.93 -3.89 -24.96
C ALA A 448 7.07 -3.55 -25.92
N GLU A 449 8.18 -4.26 -25.77
CA GLU A 449 9.31 -4.07 -26.66
C GLU A 449 9.05 -4.74 -28.01
N PRO A 450 9.49 -4.12 -29.11
CA PRO A 450 9.23 -4.71 -30.43
C PRO A 450 9.96 -6.02 -30.62
N GLN A 451 9.37 -6.89 -31.43
CA GLN A 451 9.95 -8.20 -31.73
C GLN A 451 11.23 -8.05 -32.54
N GLU A 453 14.88 -10.26 -33.60
CA GLU A 453 15.51 -11.58 -33.63
C GLU A 453 16.91 -11.53 -33.02
N GLU A 454 17.08 -12.24 -31.90
CA GLU A 454 18.38 -12.34 -31.25
C GLU A 454 19.22 -13.39 -31.95
N ILE A 455 20.41 -13.00 -32.40
CA ILE A 455 21.32 -13.90 -33.10
C ILE A 455 22.29 -14.51 -32.11
N PRO A 456 22.49 -15.84 -32.11
CA PRO A 456 23.41 -16.51 -31.18
C PRO A 456 24.87 -16.23 -31.49
#